data_3CA4
#
_entry.id   3CA4
#
_cell.length_a   126.124
_cell.length_b   126.124
_cell.length_c   76.039
_cell.angle_alpha   90.00
_cell.angle_beta   90.00
_cell.angle_gamma   90.00
#
_symmetry.space_group_name_H-M   'I 41 2 2'
#
loop_
_entity.id
_entity.type
_entity.pdbx_description
1 polymer 'Agglutinin II'
2 branched alpha-L-fucopyranose-(1-3)-[2-acetamido-2-deoxy-beta-D-glucopyranose-(1-4)]2-acetamido-2-deoxy-beta-D-glucopyranose
3 branched 2-acetamido-2-deoxy-beta-D-glucopyranose-(1-4)-2-acetamido-2-deoxy-beta-D-glucopyranose
4 branched beta-D-galactopyranose-(1-4)-beta-D-glucopyranose
5 non-polymer 2-acetamido-2-deoxy-beta-D-glucopyranose
6 non-polymer 'SULFATE ION'
7 non-polymer 'ACETATE ION'
8 water water
#
_entity_poly.entity_id   1
_entity_poly.type   'polypeptide(L)'
_entity_poly.pdbx_seq_one_letter_code
;TSFTRNIVGRDGLCVDVRNGYDTDGTPLQLWPCGTQRNQRWTFDSDDTIRSMGKCMTANGLNNGSNIVIFNCSTAAENAI
KWEVPIDGSIINPSSGLVMTAPRAASRTILLLEDNIYAASQGWTVTNNVKPIVASIVGYKEMCLQSNGENNGVWMEDCEA
TSLQQQWALYGDRTIRVNSTRGLCVTTNGYNSKDLIIILKCQGLPSQRWFFNSDGAIVNPKSRLVMDVRASNVSLREIII
FPATGNPNQQWVTQVLPS
;
_entity_poly.pdbx_strand_id   A
#
loop_
_chem_comp.id
_chem_comp.type
_chem_comp.name
_chem_comp.formula
ACT non-polymer 'ACETATE ION' 'C2 H3 O2 -1'
BGC D-saccharide, beta linking beta-D-glucopyranose 'C6 H12 O6'
FUC L-saccharide, alpha linking alpha-L-fucopyranose 'C6 H12 O5'
GAL D-saccharide, beta linking beta-D-galactopyranose 'C6 H12 O6'
NAG D-saccharide, beta linking 2-acetamido-2-deoxy-beta-D-glucopyranose 'C8 H15 N O6'
SO4 non-polymer 'SULFATE ION' 'O4 S -2'
#
# COMPACT_ATOMS: atom_id res chain seq x y z
N THR A 1 -15.94 9.16 -18.36
CA THR A 1 -16.28 7.75 -18.00
C THR A 1 -16.04 7.60 -16.49
N SER A 2 -16.92 6.86 -15.79
CA SER A 2 -16.72 6.72 -14.35
C SER A 2 -16.91 5.29 -13.88
N PHE A 3 -16.27 4.96 -12.76
CA PHE A 3 -16.40 3.63 -12.20
C PHE A 3 -16.24 3.81 -10.69
N THR A 4 -16.75 2.84 -9.92
CA THR A 4 -16.85 3.04 -8.46
C THR A 4 -16.19 1.86 -7.75
N ARG A 5 -15.44 2.16 -6.68
CA ARG A 5 -14.63 1.20 -5.97
C ARG A 5 -14.58 1.60 -4.50
N ASN A 6 -14.09 0.69 -3.64
CA ASN A 6 -13.61 1.11 -2.33
C ASN A 6 -12.17 1.61 -2.45
N ILE A 7 -11.68 2.28 -1.40
CA ILE A 7 -10.22 2.65 -1.40
C ILE A 7 -9.66 2.09 -0.12
N VAL A 8 -8.77 1.11 -0.25
CA VAL A 8 -8.20 0.43 0.94
C VAL A 8 -6.83 1.04 1.26
N GLY A 9 -6.51 1.29 2.54
CA GLY A 9 -5.19 1.84 2.90
C GLY A 9 -4.72 1.20 4.19
N ARG A 10 -4.18 2.07 5.07
CA ARG A 10 -3.43 1.62 6.23
C ARG A 10 -4.12 0.51 7.01
N ASP A 11 -3.39 -0.60 7.27
CA ASP A 11 -3.92 -1.72 8.06
C ASP A 11 -5.15 -2.41 7.40
N GLY A 12 -5.37 -2.14 6.08
CA GLY A 12 -6.48 -2.80 5.40
C GLY A 12 -7.81 -2.12 5.68
N LEU A 13 -7.79 -0.95 6.35
CA LEU A 13 -9.02 -0.17 6.57
C LEU A 13 -9.32 0.66 5.33
N CYS A 14 -10.55 1.13 5.21
CA CYS A 14 -11.01 1.83 4.01
C CYS A 14 -11.23 3.31 4.27
N VAL A 15 -11.11 4.09 3.20
CA VAL A 15 -11.41 5.52 3.21
C VAL A 15 -12.91 5.70 3.34
N ASP A 16 -13.32 6.45 4.36
CA ASP A 16 -14.73 6.42 4.83
C ASP A 16 -15.14 7.82 5.22
N VAL A 17 -16.28 8.30 4.71
CA VAL A 17 -16.73 9.65 5.11
C VAL A 17 -17.35 9.52 6.52
N ARG A 18 -16.79 10.27 7.48
CA ARG A 18 -17.05 10.02 8.92
C ARG A 18 -18.54 10.01 9.30
N ASN A 19 -18.97 8.90 9.90
CA ASN A 19 -20.38 8.68 10.32
C ASN A 19 -21.40 8.67 9.19
N GLY A 20 -20.93 8.55 7.96
CA GLY A 20 -21.81 8.51 6.79
C GLY A 20 -22.47 9.86 6.50
N TYR A 21 -22.02 10.95 7.16
CA TYR A 21 -22.57 12.28 6.88
C TYR A 21 -22.08 12.77 5.53
N ASP A 22 -22.98 13.39 4.77
CA ASP A 22 -22.59 14.05 3.52
C ASP A 22 -22.52 15.57 3.62
N THR A 23 -22.56 16.09 4.85
N THR A 23 -22.62 16.14 4.83
CA THR A 23 -22.43 17.54 5.09
CA THR A 23 -22.58 17.60 4.93
C THR A 23 -21.07 18.06 4.59
C THR A 23 -21.15 18.09 4.62
N ASP A 24 -21.07 19.19 3.88
CA ASP A 24 -19.79 19.78 3.47
C ASP A 24 -18.82 19.87 4.66
N GLY A 25 -17.59 19.44 4.46
CA GLY A 25 -16.58 19.55 5.48
C GLY A 25 -16.40 18.30 6.31
N THR A 26 -17.25 17.29 6.09
CA THR A 26 -17.14 16.09 6.98
C THR A 26 -15.81 15.44 6.66
N PRO A 27 -15.00 15.15 7.69
CA PRO A 27 -13.69 14.54 7.39
C PRO A 27 -13.75 13.15 6.82
N LEU A 28 -12.70 12.80 6.07
CA LEU A 28 -12.47 11.41 5.70
C LEU A 28 -11.65 10.74 6.80
N GLN A 29 -11.88 9.45 7.01
CA GLN A 29 -11.20 8.73 8.05
C GLN A 29 -10.97 7.31 7.56
N LEU A 30 -10.21 6.55 8.34
CA LEU A 30 -10.17 5.08 8.20
C LEU A 30 -11.29 4.41 8.96
N TRP A 31 -11.87 3.35 8.37
CA TRP A 31 -12.89 2.57 9.04
C TRP A 31 -12.84 1.18 8.39
N PRO A 32 -13.16 0.10 9.14
CA PRO A 32 -13.20 -1.24 8.50
C PRO A 32 -14.06 -1.23 7.21
N CYS A 33 -13.59 -1.91 6.19
CA CYS A 33 -14.20 -1.80 4.85
C CYS A 33 -15.61 -2.47 4.84
N GLY A 34 -16.49 -1.86 4.06
CA GLY A 34 -17.83 -2.36 3.85
C GLY A 34 -18.44 -1.76 2.62
N THR A 35 -19.73 -2.03 2.41
CA THR A 35 -20.42 -1.67 1.20
C THR A 35 -21.18 -0.34 1.35
N GLN A 36 -21.12 0.29 2.55
CA GLN A 36 -21.89 1.51 2.76
C GLN A 36 -21.48 2.58 1.78
N ARG A 37 -22.42 3.44 1.41
CA ARG A 37 -22.18 4.38 0.34
C ARG A 37 -21.05 5.35 0.61
N ASN A 38 -20.79 5.64 1.90
CA ASN A 38 -19.75 6.61 2.29
C ASN A 38 -18.36 5.97 2.21
N GLN A 39 -18.30 4.72 1.71
CA GLN A 39 -17.02 4.08 1.37
C GLN A 39 -16.95 3.74 -0.15
N ARG A 40 -17.96 4.14 -0.95
CA ARG A 40 -17.96 3.83 -2.37
C ARG A 40 -17.55 5.12 -3.06
N TRP A 41 -16.43 5.03 -3.79
CA TRP A 41 -15.78 6.21 -4.35
C TRP A 41 -15.86 6.07 -5.87
N THR A 42 -16.40 7.09 -6.55
CA THR A 42 -16.53 7.08 -8.00
C THR A 42 -15.44 7.95 -8.58
N PHE A 43 -14.66 7.33 -9.46
CA PHE A 43 -13.55 7.99 -10.12
C PHE A 43 -14.07 8.46 -11.47
N ASP A 44 -14.08 9.78 -11.64
CA ASP A 44 -14.54 10.40 -12.89
C ASP A 44 -13.33 10.81 -13.75
N SER A 45 -13.58 10.95 -15.05
N SER A 45 -13.57 10.93 -15.06
CA SER A 45 -12.56 11.36 -16.01
CA SER A 45 -12.51 11.35 -15.98
C SER A 45 -12.03 12.79 -15.80
C SER A 45 -11.90 12.69 -15.61
N ASP A 46 -12.66 13.55 -14.91
CA ASP A 46 -12.15 14.87 -14.50
C ASP A 46 -11.21 14.87 -13.26
N ASP A 47 -10.79 13.66 -12.84
CA ASP A 47 -9.86 13.53 -11.73
C ASP A 47 -10.47 13.82 -10.38
N THR A 48 -11.79 13.85 -10.32
CA THR A 48 -12.46 13.93 -9.00
C THR A 48 -12.74 12.53 -8.52
N ILE A 49 -12.90 12.43 -7.19
CA ILE A 49 -13.17 11.17 -6.57
C ILE A 49 -14.35 11.44 -5.66
N ARG A 50 -15.49 10.81 -5.96
CA ARG A 50 -16.75 11.22 -5.34
C ARG A 50 -17.41 10.15 -4.48
N SER A 51 -18.02 10.58 -3.35
CA SER A 51 -18.86 9.68 -2.58
C SER A 51 -20.11 10.45 -2.22
N MET A 52 -21.26 9.76 -2.30
CA MET A 52 -22.54 10.39 -1.95
C MET A 52 -22.79 11.69 -2.76
N GLY A 53 -22.27 11.70 -3.97
CA GLY A 53 -22.53 12.82 -4.90
C GLY A 53 -21.62 14.01 -4.66
N LYS A 54 -20.72 13.91 -3.66
CA LYS A 54 -19.79 15.03 -3.33
C LYS A 54 -18.34 14.60 -3.55
N CYS A 55 -17.43 15.55 -3.47
CA CYS A 55 -16.04 15.29 -3.85
C CYS A 55 -15.10 15.14 -2.64
N MET A 56 -14.14 14.23 -2.76
CA MET A 56 -12.99 14.23 -1.87
C MET A 56 -12.27 15.57 -2.09
N THR A 57 -12.03 16.31 -1.01
CA THR A 57 -11.61 17.72 -1.08
C THR A 57 -10.55 18.00 -0.04
N ALA A 58 -9.44 18.60 -0.47
CA ALA A 58 -8.47 19.04 0.53
C ALA A 58 -8.98 20.33 1.19
N ASN A 59 -9.09 20.32 2.52
CA ASN A 59 -9.58 21.53 3.22
C ASN A 59 -8.35 22.35 3.50
N GLY A 60 -7.82 22.94 2.45
CA GLY A 60 -6.51 23.58 2.48
C GLY A 60 -5.48 22.73 1.75
N LEU A 61 -4.43 23.39 1.33
CA LEU A 61 -3.39 22.74 0.52
C LEU A 61 -2.04 22.85 1.21
N ASN A 62 -2.06 22.68 2.52
CA ASN A 62 -0.87 22.73 3.30
C ASN A 62 -0.54 21.40 3.91
N ASN A 63 0.71 21.29 4.35
CA ASN A 63 1.15 20.10 5.05
C ASN A 63 0.36 19.98 6.37
N GLY A 64 -0.46 18.93 6.47
CA GLY A 64 -1.26 18.73 7.66
C GLY A 64 -2.72 19.07 7.40
N SER A 65 -3.03 19.61 6.22
CA SER A 65 -4.43 19.91 5.91
C SER A 65 -5.34 18.67 5.93
N ASN A 66 -6.53 18.81 6.50
CA ASN A 66 -7.48 17.73 6.52
C ASN A 66 -8.14 17.50 5.15
N ILE A 67 -8.50 16.24 4.87
CA ILE A 67 -9.24 15.92 3.64
C ILE A 67 -10.68 15.60 4.07
N VAL A 68 -11.64 16.17 3.34
CA VAL A 68 -13.02 16.15 3.75
C VAL A 68 -13.89 15.83 2.53
N ILE A 69 -15.18 15.65 2.73
CA ILE A 69 -16.12 15.59 1.57
C ILE A 69 -16.63 17.03 1.39
N PHE A 70 -16.88 17.43 0.15
CA PHE A 70 -17.35 18.79 -0.10
C PHE A 70 -18.03 18.84 -1.46
N ASN A 71 -19.09 19.63 -1.56
CA ASN A 71 -19.79 19.85 -2.84
C ASN A 71 -18.81 20.08 -3.98
N CYS A 72 -18.92 19.31 -5.07
CA CYS A 72 -17.94 19.37 -6.13
C CYS A 72 -17.95 20.69 -6.90
N SER A 73 -19.11 21.35 -6.97
N SER A 73 -19.11 21.35 -6.98
CA SER A 73 -19.20 22.60 -7.73
CA SER A 73 -19.17 22.61 -7.73
C SER A 73 -18.76 23.85 -6.98
C SER A 73 -18.63 23.80 -6.95
N THR A 74 -18.86 23.83 -5.65
CA THR A 74 -18.48 24.98 -4.81
C THR A 74 -17.11 24.92 -4.16
N ALA A 75 -16.55 23.71 -4.09
CA ALA A 75 -15.17 23.57 -3.63
C ALA A 75 -14.22 24.25 -4.60
N ALA A 76 -13.06 24.67 -4.10
CA ALA A 76 -11.98 25.12 -4.98
C ALA A 76 -11.53 23.99 -5.93
N GLU A 77 -11.45 24.27 -7.24
CA GLU A 77 -11.09 23.25 -8.23
C GLU A 77 -9.77 22.59 -7.86
N ASN A 78 -8.80 23.38 -7.39
N ASN A 78 -8.80 23.38 -7.37
CA ASN A 78 -7.50 22.82 -7.04
CA ASN A 78 -7.48 22.81 -7.05
C ASN A 78 -7.64 21.71 -6.01
C ASN A 78 -7.52 21.84 -5.88
N ALA A 79 -8.62 21.88 -5.13
CA ALA A 79 -8.75 21.04 -3.94
C ALA A 79 -9.49 19.74 -4.20
N ILE A 80 -10.10 19.58 -5.38
CA ILE A 80 -10.85 18.37 -5.66
C ILE A 80 -10.25 17.47 -6.73
N LYS A 81 -9.05 17.78 -7.20
CA LYS A 81 -8.38 16.95 -8.22
C LYS A 81 -7.40 16.02 -7.52
N TRP A 82 -7.37 14.77 -7.97
CA TRP A 82 -6.53 13.75 -7.37
C TRP A 82 -6.03 12.87 -8.48
N GLU A 83 -4.81 12.37 -8.34
CA GLU A 83 -4.29 11.36 -9.26
C GLU A 83 -3.83 10.14 -8.47
N VAL A 84 -3.72 9.01 -9.16
CA VAL A 84 -3.41 7.76 -8.49
C VAL A 84 -2.15 7.17 -9.12
N PRO A 85 -0.97 7.64 -8.64
CA PRO A 85 0.26 7.10 -9.15
C PRO A 85 0.34 5.59 -9.06
N ILE A 86 1.14 5.01 -9.97
CA ILE A 86 1.15 3.55 -10.07
C ILE A 86 1.68 2.88 -8.79
N ASP A 87 2.44 3.62 -7.97
CA ASP A 87 2.97 3.02 -6.75
C ASP A 87 1.94 3.07 -5.63
N GLY A 88 0.77 3.57 -5.91
CA GLY A 88 -0.30 3.45 -4.89
C GLY A 88 -0.49 4.67 -4.02
N SER A 89 0.18 5.77 -4.31
CA SER A 89 -0.15 7.03 -3.63
C SER A 89 -1.49 7.58 -4.13
N ILE A 90 -2.02 8.56 -3.40
CA ILE A 90 -3.17 9.34 -3.94
C ILE A 90 -2.72 10.77 -3.72
N ILE A 91 -2.52 11.49 -4.83
CA ILE A 91 -1.84 12.79 -4.75
C ILE A 91 -2.74 13.92 -5.20
N ASN A 92 -2.60 15.07 -4.55
CA ASN A 92 -3.31 16.26 -5.00
C ASN A 92 -2.32 17.02 -5.87
N PRO A 93 -2.62 17.13 -7.17
CA PRO A 93 -1.59 17.71 -8.05
C PRO A 93 -1.17 19.15 -7.72
N SER A 94 -2.08 19.98 -7.23
CA SER A 94 -1.76 21.39 -7.01
C SER A 94 -0.64 21.52 -5.98
N SER A 95 -0.78 20.79 -4.88
CA SER A 95 0.10 20.92 -3.72
C SER A 95 1.25 19.96 -3.79
N GLY A 96 1.09 18.88 -4.58
CA GLY A 96 2.01 17.73 -4.53
C GLY A 96 1.99 16.93 -3.23
N LEU A 97 1.05 17.23 -2.33
CA LEU A 97 0.98 16.50 -1.08
C LEU A 97 0.11 15.26 -1.35
N VAL A 98 0.26 14.27 -0.48
CA VAL A 98 -0.38 13.00 -0.69
C VAL A 98 -1.28 12.63 0.52
N MET A 99 -2.35 11.90 0.24
N MET A 99 -2.31 11.84 0.22
CA MET A 99 -3.28 11.49 1.29
CA MET A 99 -3.22 11.33 1.23
C MET A 99 -2.60 10.48 2.23
C MET A 99 -2.46 10.48 2.24
N THR A 100 -2.65 10.78 3.53
CA THR A 100 -1.89 10.07 4.55
C THR A 100 -2.81 9.72 5.71
N ALA A 101 -2.66 8.50 6.22
CA ALA A 101 -3.38 8.05 7.46
C ALA A 101 -2.37 8.14 8.57
N PRO A 102 -2.44 9.20 9.41
CA PRO A 102 -1.30 9.42 10.35
C PRO A 102 -1.19 8.44 11.54
N ARG A 103 -2.28 7.73 11.83
CA ARG A 103 -2.32 6.66 12.84
C ARG A 103 -3.00 5.40 12.24
N ALA A 104 -2.78 4.22 12.83
CA ALA A 104 -3.42 2.99 12.24
C ALA A 104 -4.94 2.80 12.60
N ALA A 105 -5.32 3.47 13.64
CA ALA A 105 -6.57 3.19 14.28
C ALA A 105 -7.73 3.52 13.42
N SER A 106 -8.82 2.79 13.61
N SER A 106 -8.83 2.79 13.66
CA SER A 106 -10.09 3.27 13.04
CA SER A 106 -10.13 3.26 13.19
C SER A 106 -10.39 4.64 13.63
C SER A 106 -10.33 4.71 13.64
N ARG A 107 -11.03 5.47 12.81
CA ARG A 107 -11.39 6.86 13.12
C ARG A 107 -10.21 7.84 13.02
N THR A 108 -9.04 7.35 12.58
CA THR A 108 -7.97 8.29 12.21
C THR A 108 -8.41 9.12 11.03
N ILE A 109 -8.23 10.45 11.13
CA ILE A 109 -8.66 11.41 10.10
C ILE A 109 -7.55 11.60 9.09
N LEU A 110 -7.91 11.60 7.80
CA LEU A 110 -6.92 11.60 6.74
C LEU A 110 -6.42 13.01 6.44
N LEU A 111 -5.10 13.12 6.16
CA LEU A 111 -4.51 14.43 5.99
C LEU A 111 -3.71 14.44 4.68
N LEU A 112 -3.51 15.63 4.12
CA LEU A 112 -2.48 15.81 3.08
C LEU A 112 -1.16 16.06 3.79
N GLU A 113 -0.13 15.31 3.40
CA GLU A 113 1.17 15.56 3.98
C GLU A 113 2.27 15.38 2.94
N ASP A 114 3.46 15.91 3.27
CA ASP A 114 4.62 15.72 2.40
C ASP A 114 4.77 14.21 2.08
N ASN A 115 4.99 13.88 0.81
CA ASN A 115 5.23 12.50 0.42
C ASN A 115 6.59 12.06 0.94
N ILE A 116 6.54 11.02 1.79
CA ILE A 116 7.76 10.34 2.23
C ILE A 116 7.71 8.85 1.81
N TYR A 117 6.78 8.51 0.92
CA TYR A 117 6.61 7.12 0.46
C TYR A 117 6.39 6.17 1.64
N ALA A 118 5.63 6.63 2.63
CA ALA A 118 5.37 5.80 3.78
C ALA A 118 4.25 4.79 3.46
N ALA A 119 4.21 3.65 4.17
CA ALA A 119 3.08 2.74 3.99
C ALA A 119 1.79 3.45 4.45
N SER A 120 1.89 4.45 5.35
CA SER A 120 0.70 5.22 5.73
C SER A 120 0.19 6.10 4.60
N GLN A 121 0.92 6.11 3.49
CA GLN A 121 0.53 6.91 2.29
C GLN A 121 0.24 5.95 1.08
N GLY A 122 0.10 4.65 1.35
CA GLY A 122 -0.22 3.65 0.30
C GLY A 122 -1.70 3.35 0.27
N TRP A 123 -2.28 3.23 -0.91
CA TRP A 123 -3.74 2.97 -1.05
C TRP A 123 -3.97 2.04 -2.25
N THR A 124 -5.09 1.33 -2.24
CA THR A 124 -5.45 0.47 -3.35
C THR A 124 -6.91 0.70 -3.70
N VAL A 125 -7.17 1.04 -4.97
CA VAL A 125 -8.53 1.26 -5.45
C VAL A 125 -9.08 -0.09 -5.97
N THR A 126 -10.09 -0.64 -5.27
CA THR A 126 -10.52 -2.00 -5.57
C THR A 126 -11.91 -2.29 -5.04
N ASN A 127 -12.57 -3.28 -5.66
CA ASN A 127 -13.81 -3.82 -5.13
C ASN A 127 -13.61 -4.94 -4.15
N ASN A 128 -12.40 -5.52 -4.14
CA ASN A 128 -12.13 -6.60 -3.20
C ASN A 128 -11.58 -5.99 -1.93
N VAL A 129 -12.35 -5.97 -0.85
CA VAL A 129 -11.84 -5.27 0.36
C VAL A 129 -11.00 -6.13 1.28
N LYS A 130 -10.69 -7.36 0.84
CA LYS A 130 -9.79 -8.24 1.64
C LYS A 130 -8.40 -8.29 0.99
N PRO A 131 -7.35 -8.38 1.84
CA PRO A 131 -6.00 -8.54 1.26
C PRO A 131 -5.96 -9.72 0.30
N ILE A 132 -5.13 -9.65 -0.73
CA ILE A 132 -4.95 -10.77 -1.61
C ILE A 132 -3.89 -11.66 -0.94
N VAL A 133 -4.15 -12.96 -0.87
CA VAL A 133 -3.22 -13.90 -0.23
C VAL A 133 -2.50 -14.73 -1.29
N ALA A 134 -1.17 -14.67 -1.29
CA ALA A 134 -0.40 -15.26 -2.37
C ALA A 134 0.94 -15.73 -1.90
N SER A 135 1.52 -16.68 -2.63
N SER A 135 1.49 -16.69 -2.63
CA SER A 135 2.95 -16.96 -2.49
CA SER A 135 2.94 -17.01 -2.57
C SER A 135 3.71 -16.02 -3.41
C SER A 135 3.65 -15.87 -3.31
N ILE A 136 4.94 -15.67 -3.01
CA ILE A 136 5.77 -14.79 -3.79
C ILE A 136 6.88 -15.65 -4.31
N VAL A 137 6.85 -15.94 -5.62
CA VAL A 137 7.79 -16.89 -6.23
C VAL A 137 8.88 -16.07 -6.90
N GLY A 138 10.13 -16.44 -6.64
CA GLY A 138 11.26 -15.72 -7.19
C GLY A 138 12.31 -16.67 -7.74
N TYR A 139 13.57 -16.31 -7.45
CA TYR A 139 14.75 -16.91 -8.00
C TYR A 139 14.66 -18.45 -7.83
N LYS A 140 15.01 -19.17 -8.91
CA LYS A 140 15.00 -20.64 -8.96
C LYS A 140 13.60 -21.24 -8.71
N GLU A 141 12.58 -20.42 -8.92
CA GLU A 141 11.20 -20.81 -8.68
C GLU A 141 10.94 -21.16 -7.21
N MET A 142 11.80 -20.67 -6.31
N MET A 142 11.75 -20.55 -6.33
CA MET A 142 11.60 -20.86 -4.87
CA MET A 142 11.61 -20.75 -4.89
C MET A 142 10.58 -19.82 -4.40
C MET A 142 10.67 -19.69 -4.35
N CYS A 143 10.21 -19.88 -3.12
CA CYS A 143 9.18 -19.04 -2.52
C CYS A 143 9.78 -18.20 -1.41
N LEU A 144 9.39 -16.93 -1.36
CA LEU A 144 9.79 -16.07 -0.24
C LEU A 144 9.10 -16.53 1.02
N GLN A 145 9.84 -16.56 2.12
CA GLN A 145 9.30 -17.12 3.38
C GLN A 145 9.70 -16.24 4.54
N SER A 146 8.75 -16.00 5.44
CA SER A 146 9.08 -15.35 6.73
C SER A 146 9.55 -16.37 7.77
N ASN A 147 10.20 -15.87 8.83
CA ASN A 147 10.78 -16.73 9.83
C ASN A 147 10.68 -16.14 11.23
N GLY A 148 9.64 -15.35 11.47
CA GLY A 148 9.44 -14.75 12.79
C GLY A 148 9.73 -13.26 12.84
N GLU A 149 9.15 -12.60 13.83
CA GLU A 149 9.39 -11.16 14.05
C GLU A 149 10.88 -10.90 14.26
N ASN A 150 11.38 -9.82 13.66
CA ASN A 150 12.79 -9.40 13.81
C ASN A 150 13.76 -10.28 13.04
N ASN A 151 13.29 -11.37 12.41
CA ASN A 151 14.18 -12.26 11.65
C ASN A 151 14.13 -11.96 10.15
N GLY A 152 15.13 -12.46 9.42
CA GLY A 152 15.17 -12.22 7.96
C GLY A 152 14.05 -12.97 7.25
N VAL A 153 13.67 -12.48 6.08
CA VAL A 153 12.95 -13.34 5.14
C VAL A 153 13.97 -14.06 4.26
N TRP A 154 13.62 -15.20 3.68
CA TRP A 154 14.54 -15.87 2.75
C TRP A 154 13.83 -16.86 1.87
N MET A 155 14.57 -17.48 0.93
CA MET A 155 13.93 -18.38 -0.06
C MET A 155 13.89 -19.83 0.43
N GLU A 156 12.78 -20.52 0.15
N GLU A 156 12.77 -20.54 0.17
CA GLU A 156 12.69 -21.95 0.36
CA GLU A 156 12.64 -21.98 0.45
C GLU A 156 11.96 -22.57 -0.84
C GLU A 156 11.80 -22.60 -0.67
N ASP A 157 12.01 -23.90 -0.96
CA ASP A 157 11.17 -24.60 -1.97
C ASP A 157 9.70 -24.32 -1.65
N CYS A 158 8.92 -24.01 -2.69
CA CYS A 158 7.49 -23.69 -2.51
C CYS A 158 6.74 -24.91 -2.00
N GLU A 159 5.94 -24.68 -0.96
N GLU A 159 5.92 -24.71 -0.97
CA GLU A 159 5.12 -25.72 -0.34
CA GLU A 159 5.13 -25.79 -0.40
C GLU A 159 3.75 -25.15 -0.15
C GLU A 159 3.77 -25.26 -0.07
N ALA A 160 2.74 -25.86 -0.68
CA ALA A 160 1.36 -25.44 -0.46
C ALA A 160 1.00 -25.37 1.03
N THR A 161 1.66 -26.19 1.86
CA THR A 161 1.37 -26.26 3.27
C THR A 161 2.24 -25.36 4.16
N SER A 162 3.16 -24.55 3.58
CA SER A 162 3.99 -23.68 4.43
C SER A 162 3.26 -22.37 4.64
N LEU A 163 2.77 -22.12 5.85
CA LEU A 163 2.03 -20.90 6.08
C LEU A 163 3.00 -19.72 6.05
N GLN A 164 4.28 -19.91 6.38
CA GLN A 164 5.21 -18.78 6.37
C GLN A 164 5.56 -18.34 4.95
N GLN A 165 5.11 -19.11 3.94
CA GLN A 165 5.23 -18.68 2.55
C GLN A 165 4.00 -17.95 2.07
N GLN A 166 3.04 -17.70 2.96
CA GLN A 166 1.78 -17.08 2.56
C GLN A 166 1.79 -15.62 2.96
N TRP A 167 1.55 -14.75 1.99
CA TRP A 167 1.69 -13.29 2.22
C TRP A 167 0.37 -12.62 1.94
N ALA A 168 -0.01 -11.70 2.82
CA ALA A 168 -1.20 -10.90 2.63
C ALA A 168 -0.76 -9.60 2.00
N LEU A 169 -1.22 -9.33 0.79
CA LEU A 169 -0.81 -8.14 0.07
C LEU A 169 -1.90 -7.12 0.41
N TYR A 170 -1.55 -6.23 1.35
CA TYR A 170 -2.51 -5.28 1.93
C TYR A 170 -2.70 -4.05 1.05
N GLY A 171 -3.82 -3.38 1.22
CA GLY A 171 -4.12 -2.22 0.37
C GLY A 171 -3.17 -1.03 0.56
N ASP A 172 -2.53 -0.95 1.75
CA ASP A 172 -1.56 0.13 2.01
C ASP A 172 -0.19 -0.20 1.39
N ARG A 173 -0.14 -1.25 0.56
CA ARG A 173 1.11 -1.58 -0.18
C ARG A 173 2.18 -2.20 0.74
N THR A 174 1.72 -2.74 1.89
CA THR A 174 2.55 -3.56 2.73
C THR A 174 2.41 -5.02 2.34
N ILE A 175 3.45 -5.81 2.69
CA ILE A 175 3.44 -7.24 2.41
C ILE A 175 3.49 -7.86 3.80
N ARG A 176 2.40 -8.50 4.21
CA ARG A 176 2.31 -8.92 5.59
C ARG A 176 2.33 -10.42 5.75
N VAL A 177 2.78 -10.87 6.92
CA VAL A 177 2.79 -12.31 7.21
C VAL A 177 1.31 -12.71 7.31
N ASN A 178 0.83 -13.64 6.44
CA ASN A 178 -0.63 -13.84 6.38
C ASN A 178 -1.21 -14.29 7.70
N SER A 179 -0.52 -15.15 8.44
N SER A 179 -0.44 -15.16 8.41
CA SER A 179 -1.07 -15.63 9.70
CA SER A 179 -0.81 -15.73 9.71
C SER A 179 -0.94 -14.62 10.85
C SER A 179 -0.64 -14.80 10.91
N THR A 180 -0.04 -13.63 10.69
CA THR A 180 0.28 -12.70 11.77
C THR A 180 0.30 -11.30 11.15
N ARG A 181 -0.88 -10.74 10.96
CA ARG A 181 -1.02 -9.61 10.02
C ARG A 181 -0.59 -8.26 10.62
N GLY A 182 -0.14 -8.27 11.87
CA GLY A 182 0.55 -7.16 12.48
C GLY A 182 2.01 -6.99 12.07
N LEU A 183 2.53 -7.93 11.26
CA LEU A 183 3.96 -7.96 10.93
C LEU A 183 4.15 -7.74 9.44
N CYS A 184 5.18 -6.94 9.10
CA CYS A 184 5.35 -6.45 7.75
C CYS A 184 6.76 -6.77 7.24
N VAL A 185 6.89 -7.06 5.94
CA VAL A 185 8.19 -7.17 5.29
C VAL A 185 8.78 -5.75 5.33
N THR A 186 9.99 -5.63 5.88
CA THR A 186 10.58 -4.33 6.20
C THR A 186 12.03 -4.32 5.78
N THR A 187 12.47 -3.29 5.04
CA THR A 187 13.92 -3.17 4.80
C THR A 187 14.56 -2.54 6.05
N ASN A 188 15.72 -3.09 6.46
CA ASN A 188 16.35 -2.59 7.69
C ASN A 188 17.33 -1.54 7.28
N GLY A 189 16.80 -0.46 6.75
CA GLY A 189 17.58 0.65 6.18
C GLY A 189 17.27 0.90 4.71
N TYR A 190 17.70 2.04 4.19
CA TYR A 190 17.41 2.41 2.82
C TYR A 190 18.62 2.31 1.90
N ASN A 191 19.69 1.66 2.36
CA ASN A 191 20.94 1.59 1.58
C ASN A 191 21.08 0.25 0.87
N SER A 192 21.81 0.25 -0.25
CA SER A 192 22.11 -1.00 -0.96
C SER A 192 22.69 -2.03 0.04
N LYS A 193 22.17 -3.28 -0.06
CA LYS A 193 22.58 -4.45 0.77
C LYS A 193 21.98 -4.44 2.17
N ASP A 194 21.14 -3.45 2.51
CA ASP A 194 20.41 -3.59 3.79
C ASP A 194 19.49 -4.81 3.67
N LEU A 195 19.30 -5.45 4.81
N LEU A 195 19.36 -5.52 4.79
CA LEU A 195 18.60 -6.74 4.91
CA LEU A 195 18.62 -6.77 4.81
C LEU A 195 17.11 -6.58 5.09
C LEU A 195 17.14 -6.50 4.92
N ILE A 196 16.35 -7.45 4.40
CA ILE A 196 14.90 -7.42 4.51
C ILE A 196 14.50 -8.40 5.59
N ILE A 197 13.69 -7.91 6.52
CA ILE A 197 13.30 -8.64 7.72
C ILE A 197 11.80 -8.50 7.94
N ILE A 198 11.31 -9.11 9.00
CA ILE A 198 9.90 -8.93 9.40
C ILE A 198 9.95 -8.06 10.67
N LEU A 199 9.20 -6.98 10.66
CA LEU A 199 9.08 -6.07 11.82
C LEU A 199 7.60 -5.69 11.99
N LYS A 200 7.21 -5.34 13.23
CA LYS A 200 5.86 -4.83 13.47
C LYS A 200 5.54 -3.74 12.46
N CYS A 201 4.36 -3.83 11.84
CA CYS A 201 3.91 -2.79 10.92
C CYS A 201 3.78 -1.47 11.69
N GLN A 202 4.44 -0.43 11.16
CA GLN A 202 4.46 0.89 11.80
C GLN A 202 4.21 2.01 10.81
N GLY A 203 3.76 1.64 9.58
CA GLY A 203 3.40 2.63 8.57
C GLY A 203 4.61 3.22 7.84
N LEU A 204 5.80 2.66 8.04
CA LEU A 204 7.04 3.34 7.65
C LEU A 204 7.34 3.20 6.15
N PRO A 205 8.17 4.11 5.62
CA PRO A 205 8.61 3.96 4.23
C PRO A 205 9.35 2.64 4.00
N SER A 206 9.97 2.11 5.04
CA SER A 206 10.72 0.86 4.93
C SER A 206 9.80 -0.35 4.78
N GLN A 207 8.50 -0.12 4.90
CA GLN A 207 7.50 -1.21 4.87
C GLN A 207 6.58 -1.10 3.66
N ARG A 208 6.89 -0.15 2.75
CA ARG A 208 6.09 0.02 1.55
C ARG A 208 6.76 -0.60 0.32
N TRP A 209 5.97 -1.32 -0.50
CA TRP A 209 6.50 -2.08 -1.65
C TRP A 209 5.59 -1.88 -2.85
N PHE A 210 6.17 -2.00 -4.03
CA PHE A 210 5.45 -1.76 -5.28
C PHE A 210 5.84 -2.90 -6.23
N PHE A 211 4.87 -3.66 -6.76
CA PHE A 211 5.16 -4.72 -7.71
C PHE A 211 5.10 -4.12 -9.10
N ASN A 212 6.26 -3.92 -9.73
CA ASN A 212 6.30 -3.15 -10.96
C ASN A 212 6.14 -4.06 -12.20
N SER A 213 6.09 -3.48 -13.38
CA SER A 213 5.85 -4.27 -14.60
C SER A 213 7.04 -5.15 -15.06
N ASP A 214 8.24 -4.92 -14.52
CA ASP A 214 9.43 -5.71 -14.87
C ASP A 214 9.58 -6.95 -13.98
N GLY A 215 8.62 -7.24 -13.09
CA GLY A 215 8.79 -8.41 -12.18
C GLY A 215 9.60 -8.04 -10.93
N ALA A 216 9.91 -6.76 -10.71
CA ALA A 216 10.62 -6.39 -9.47
C ALA A 216 9.65 -6.02 -8.34
N ILE A 217 10.14 -6.15 -7.11
CA ILE A 217 9.40 -5.66 -5.94
C ILE A 217 10.22 -4.49 -5.38
N VAL A 218 9.69 -3.28 -5.56
CA VAL A 218 10.44 -2.07 -5.41
C VAL A 218 10.10 -1.42 -4.07
N ASN A 219 11.10 -0.88 -3.36
CA ASN A 219 10.84 -0.07 -2.16
C ASN A 219 10.87 1.39 -2.65
N PRO A 220 9.71 2.06 -2.72
CA PRO A 220 9.77 3.38 -3.39
C PRO A 220 10.71 4.41 -2.77
N LYS A 221 10.79 4.50 -1.43
CA LYS A 221 11.69 5.53 -0.81
C LYS A 221 13.12 5.34 -1.28
N SER A 222 13.63 4.11 -1.14
CA SER A 222 15.04 3.90 -1.50
C SER A 222 15.30 3.82 -2.98
N ARG A 223 14.24 3.44 -3.72
CA ARG A 223 14.27 3.09 -5.19
C ARG A 223 14.75 1.68 -5.44
N LEU A 224 15.23 1.01 -4.39
CA LEU A 224 15.90 -0.26 -4.56
C LEU A 224 14.88 -1.42 -4.51
N VAL A 225 15.32 -2.58 -4.98
CA VAL A 225 14.40 -3.72 -5.20
C VAL A 225 14.82 -4.97 -4.42
N MET A 226 13.85 -5.84 -4.12
N MET A 226 13.86 -5.87 -4.23
CA MET A 226 14.15 -7.08 -3.38
CA MET A 226 14.12 -7.14 -3.55
C MET A 226 15.03 -7.99 -4.23
C MET A 226 15.12 -7.95 -4.33
N ASP A 227 16.08 -8.53 -3.61
CA ASP A 227 17.17 -9.20 -4.32
C ASP A 227 17.65 -10.35 -3.48
N VAL A 228 17.74 -11.54 -4.11
CA VAL A 228 18.26 -12.70 -3.41
C VAL A 228 19.78 -12.55 -3.40
N ARG A 229 20.31 -12.24 -2.22
CA ARG A 229 21.71 -11.77 -2.09
C ARG A 229 22.68 -12.72 -2.78
N ALA A 230 23.50 -12.14 -3.66
CA ALA A 230 24.54 -12.88 -4.42
C ALA A 230 24.02 -14.07 -5.26
N SER A 231 22.71 -14.05 -5.59
CA SER A 231 22.06 -15.18 -6.25
C SER A 231 22.37 -16.49 -5.52
N ASN A 232 22.41 -16.42 -4.20
CA ASN A 232 22.84 -17.54 -3.36
C ASN A 232 21.77 -17.81 -2.33
N VAL A 233 20.89 -18.77 -2.65
CA VAL A 233 19.73 -18.98 -1.77
C VAL A 233 20.21 -19.53 -0.41
N SER A 234 21.36 -20.21 -0.39
N SER A 234 21.37 -20.20 -0.40
CA SER A 234 21.88 -20.75 0.87
CA SER A 234 21.93 -20.74 0.84
C SER A 234 22.31 -19.69 1.89
C SER A 234 22.31 -19.69 1.87
N LEU A 235 22.56 -18.46 1.43
CA LEU A 235 22.89 -17.35 2.37
C LEU A 235 21.68 -17.00 3.22
N ARG A 236 20.49 -17.31 2.71
CA ARG A 236 19.27 -16.99 3.46
C ARG A 236 19.22 -15.51 3.83
N GLU A 237 19.51 -14.67 2.81
CA GLU A 237 19.47 -13.22 3.00
C GLU A 237 18.85 -12.64 1.75
N ILE A 238 17.83 -11.83 1.96
CA ILE A 238 17.22 -11.05 0.89
C ILE A 238 17.59 -9.61 1.26
N ILE A 239 18.04 -8.85 0.27
CA ILE A 239 18.46 -7.46 0.51
C ILE A 239 17.69 -6.56 -0.41
N ILE A 240 17.79 -5.24 -0.17
CA ILE A 240 17.47 -4.30 -1.27
C ILE A 240 18.75 -4.02 -2.06
N PHE A 241 18.58 -3.81 -3.37
CA PHE A 241 19.72 -3.58 -4.25
C PHE A 241 19.18 -2.84 -5.49
N PRO A 242 20.01 -2.08 -6.17
CA PRO A 242 19.52 -1.46 -7.42
C PRO A 242 18.99 -2.47 -8.44
N ALA A 243 17.95 -2.10 -9.18
CA ALA A 243 17.34 -3.03 -10.16
C ALA A 243 18.28 -3.34 -11.31
N THR A 244 18.48 -4.64 -11.57
CA THR A 244 19.39 -5.07 -12.64
C THR A 244 18.65 -5.93 -13.67
N GLY A 245 17.41 -6.32 -13.37
CA GLY A 245 16.69 -7.26 -14.24
C GLY A 245 17.15 -8.71 -14.17
N ASN A 246 18.10 -9.01 -13.29
CA ASN A 246 18.70 -10.34 -13.19
C ASN A 246 17.70 -11.30 -12.54
N PRO A 247 17.87 -12.63 -12.79
CA PRO A 247 16.91 -13.60 -12.23
C PRO A 247 16.71 -13.51 -10.71
N ASN A 248 17.73 -13.09 -9.95
CA ASN A 248 17.58 -13.05 -8.47
C ASN A 248 16.78 -11.82 -8.00
N GLN A 249 16.25 -11.06 -8.97
CA GLN A 249 15.39 -9.93 -8.63
C GLN A 249 14.01 -10.04 -9.29
N GLN A 250 13.70 -11.21 -9.85
CA GLN A 250 12.40 -11.42 -10.51
C GLN A 250 11.48 -12.15 -9.57
N TRP A 251 10.24 -11.67 -9.54
CA TRP A 251 9.24 -12.21 -8.61
C TRP A 251 7.90 -12.25 -9.31
N VAL A 252 7.09 -13.22 -8.90
N VAL A 252 7.06 -13.20 -8.92
CA VAL A 252 5.72 -13.35 -9.38
CA VAL A 252 5.65 -13.15 -9.35
C VAL A 252 4.85 -13.60 -8.13
C VAL A 252 4.80 -13.69 -8.24
N THR A 253 3.61 -13.12 -8.13
CA THR A 253 2.69 -13.53 -7.10
C THR A 253 1.90 -14.70 -7.64
N GLN A 254 1.64 -15.66 -6.76
CA GLN A 254 0.78 -16.79 -7.14
C GLN A 254 -0.29 -16.97 -6.10
N VAL A 255 -1.52 -16.67 -6.51
CA VAL A 255 -2.64 -16.69 -5.63
C VAL A 255 -2.77 -18.07 -5.00
N LEU A 256 -3.05 -18.07 -3.71
CA LEU A 256 -3.24 -19.31 -2.94
C LEU A 256 -4.71 -19.72 -2.86
N PRO A 257 -5.00 -21.03 -2.77
CA PRO A 257 -6.35 -21.49 -2.66
C PRO A 257 -6.94 -21.23 -1.32
C1 NAG B . 5.01 18.05 7.10
C2 NAG B . 6.36 18.65 7.57
C3 NAG B . 7.21 17.53 8.15
C4 NAG B . 6.44 16.85 9.25
C5 NAG B . 5.04 16.41 8.78
C6 NAG B . 4.24 15.74 9.89
C7 NAG B . 7.49 20.58 6.58
C8 NAG B . 8.19 21.13 5.37
N2 NAG B . 7.06 19.32 6.48
O3 NAG B . 8.38 18.07 8.80
O4 NAG B . 7.22 15.74 9.62
O5 NAG B . 4.37 17.55 8.24
O6 NAG B . 3.92 16.68 10.92
O7 NAG B . 7.36 21.27 7.59
C1 FUC B . 9.58 17.93 8.00
C2 FUC B . 10.66 18.78 8.68
C3 FUC B . 11.00 18.14 10.04
C4 FUC B . 11.45 16.70 9.86
C5 FUC B . 10.37 15.91 9.12
C6 FUC B . 10.84 14.48 8.88
O2 FUC B . 10.20 20.11 8.82
O3 FUC B . 12.05 18.86 10.67
O4 FUC B . 12.62 16.67 9.06
O5 FUC B . 10.02 16.57 7.89
C1 NAG B . 7.38 15.69 11.05
C2 NAG B . 7.83 14.29 11.46
C3 NAG B . 8.12 14.25 12.96
C4 NAG B . 9.00 15.43 13.40
C5 NAG B . 8.41 16.74 12.89
C6 NAG B . 9.27 17.94 13.29
C7 NAG B . 6.99 12.45 10.01
C8 NAG B . 5.90 11.43 9.79
N2 NAG B . 6.87 13.25 11.09
O3 NAG B . 8.77 13.03 13.26
O4 NAG B . 9.11 15.44 14.82
O5 NAG B . 8.30 16.67 11.48
O6 NAG B . 8.48 19.11 13.20
O7 NAG B . 7.91 12.51 9.17
C1 NAG C . -23.64 21.85 -4.75
C2 NAG C . -24.91 21.03 -4.61
C3 NAG C . -25.91 21.60 -5.64
C4 NAG C . -26.10 23.09 -5.50
C5 NAG C . -24.72 23.75 -5.57
C6 NAG C . -24.76 25.26 -5.49
C7 NAG C . -24.91 18.69 -3.99
C8 NAG C . -24.63 17.27 -4.37
N2 NAG C . -24.65 19.63 -4.89
O3 NAG C . -27.15 20.90 -5.56
O4 NAG C . -26.87 23.45 -6.62
O5 NAG C . -23.92 23.20 -4.51
O6 NAG C . -25.29 25.63 -4.23
O7 NAG C . -25.37 18.96 -2.86
C1 FUC C . -27.17 19.94 -6.62
C2 FUC C . -28.23 18.88 -6.36
C3 FUC C . -29.60 19.58 -6.40
C4 FUC C . -29.82 20.20 -7.79
C5 FUC C . -28.69 21.22 -7.99
C6 FUC C . -28.77 21.99 -9.30
O2 FUC C . -28.03 18.20 -5.14
O3 FUC C . -30.67 18.75 -6.04
O4 FUC C . -29.75 19.20 -8.79
O5 FUC C . -27.41 20.57 -7.88
C1 NAG C . -28.03 24.19 -6.17
C2 NAG C . -28.60 25.04 -7.33
C3 NAG C . -29.98 25.63 -7.00
C4 NAG C . -30.84 24.73 -6.11
C5 NAG C . -30.04 24.05 -4.99
C6 NAG C . -30.89 23.11 -4.13
C7 NAG C . -26.93 25.94 -8.84
C8 NAG C . -25.87 26.98 -9.15
N2 NAG C . -27.67 26.10 -7.72
O3 NAG C . -30.67 25.86 -8.20
O4 NAG C . -31.90 25.51 -5.58
O5 NAG C . -29.00 23.33 -5.60
O6 NAG C . -30.73 21.79 -4.57
O7 NAG C . -27.08 24.96 -9.60
C1 NAG D . -4.62 -16.00 5.55
C2 NAG D . -5.15 -17.45 5.48
C3 NAG D . -6.68 -17.39 5.59
C4 NAG D . -7.17 -16.56 6.81
C5 NAG D . -6.42 -15.22 6.86
C6 NAG D . -6.72 -14.32 8.06
C7 NAG D . -5.06 -17.93 3.08
C8 NAG D . -4.59 -18.88 2.01
N2 NAG D . -4.68 -18.21 4.32
O3 NAG D . -7.22 -18.70 5.63
O4 NAG D . -8.54 -16.24 6.65
O5 NAG D . -5.03 -15.46 6.79
O6 NAG D . -6.38 -15.12 9.16
O7 NAG D . -5.75 -16.94 2.78
C1 NAG D . -9.46 -16.80 7.61
C2 NAG D . -10.70 -15.90 7.59
C3 NAG D . -11.92 -16.50 8.32
C4 NAG D . -12.10 -17.96 7.93
C5 NAG D . -10.77 -18.71 8.07
C6 NAG D . -10.93 -20.15 7.61
C7 NAG D . -10.26 -13.50 7.39
C8 NAG D . -9.98 -12.23 8.15
N2 NAG D . -10.47 -14.59 8.16
O3 NAG D . -13.09 -15.77 7.96
O4 NAG D . -13.15 -18.54 8.67
O5 NAG D . -9.81 -18.11 7.21
O6 NAG D . -11.18 -20.17 6.21
O7 NAG D . -10.27 -13.49 6.14
C2 BGC E . -24.11 6.49 13.85
C3 BGC E . -22.98 6.53 12.82
C4 BGC E . -23.21 5.40 11.79
C5 BGC E . -24.57 5.62 11.15
C6 BGC E . -24.94 4.47 10.24
C1 BGC E . -25.44 6.67 13.13
O2 BGC E . -23.87 7.49 14.84
O3 BGC E . -21.72 6.41 13.45
O4 BGC E . -22.32 5.58 10.71
O5 BGC E . -25.54 5.59 12.20
O6 BGC E . -24.65 3.25 10.91
C1 GAL E . -21.16 4.79 10.66
C2 GAL E . -20.83 4.60 9.16
C3 GAL E . -19.42 4.05 9.01
C4 GAL E . -18.38 4.87 9.81
C5 GAL E . -18.84 4.87 11.27
C6 GAL E . -17.82 5.49 12.25
O2 GAL E . -21.73 3.69 8.58
O3 GAL E . -19.11 3.94 7.63
O4 GAL E . -18.32 6.20 9.31
O5 GAL E . -20.11 5.49 11.35
O6 GAL E . -17.63 6.90 11.99
C2 BGC F . 29.61 -11.55 -4.90
C3 BGC F . 28.20 -10.97 -5.20
C4 BGC F . 27.67 -11.12 -6.63
C5 BGC F . 28.12 -12.46 -7.18
C6 BGC F . 27.65 -12.65 -8.62
C1 BGC F . 29.83 -12.85 -5.68
O2 BGC F . 29.80 -11.87 -3.53
O3 BGC F . 28.17 -9.58 -4.89
O4 BGC F . 26.22 -11.13 -6.71
O5 BGC F . 29.55 -12.54 -7.03
O6 BGC F . 28.71 -12.27 -9.42
C1 GAL F . 25.51 -9.92 -6.49
C2 GAL F . 24.12 -10.10 -7.07
C3 GAL F . 23.35 -8.85 -6.81
C4 GAL F . 23.37 -8.54 -5.32
C5 GAL F . 24.84 -8.44 -4.80
C6 GAL F . 24.99 -8.06 -3.34
O2 GAL F . 24.24 -10.24 -8.47
O3 GAL F . 22.03 -9.04 -7.32
O4 GAL F . 22.72 -9.57 -4.62
O5 GAL F . 25.47 -9.68 -5.09
O6 GAL F . 26.39 -8.09 -2.96
C1 NAG G . 26.60 -19.52 -0.95
C2 NAG G . 28.13 -19.47 -1.02
C3 NAG G . 28.66 -20.75 -0.35
C4 NAG G . 28.34 -20.61 1.15
C5 NAG G . 26.81 -20.49 1.26
C6 NAG G . 26.28 -20.35 2.68
C7 NAG G . 28.32 -19.89 -3.41
C8 NAG G . 29.06 -19.55 -4.67
N2 NAG G . 28.69 -19.21 -2.34
O3 NAG G . 30.01 -21.01 -0.60
O4 NAG G . 28.81 -21.73 1.89
O5 NAG G . 26.32 -19.42 0.42
O6 NAG G . 26.94 -19.29 3.35
O7 NAG G . 27.43 -20.75 -3.37
S SO4 H . -22.92 19.39 -8.19
O1 SO4 H . -23.41 20.74 -7.84
O2 SO4 H . -23.68 18.34 -7.47
O3 SO4 H . -23.24 19.21 -9.61
O4 SO4 H . -21.49 19.32 -7.90
S SO4 I . -17.10 10.86 16.29
O1 SO4 I . -16.28 9.98 17.15
O2 SO4 I . -18.34 11.24 16.93
O3 SO4 I . -16.19 11.99 15.95
O4 SO4 I . -17.29 9.99 15.14
S SO4 J . 4.70 -23.33 8.44
S SO4 J . 6.55 -23.33 7.85
O1 SO4 J . 4.11 -22.44 9.45
O1 SO4 J . 5.75 -22.12 7.71
O2 SO4 J . 3.64 -24.17 7.87
O2 SO4 J . 5.75 -24.28 8.60
O3 SO4 J . 5.32 -22.54 7.39
O3 SO4 J . 6.86 -23.89 6.54
O4 SO4 J . 5.71 -24.17 9.09
O4 SO4 J . 7.78 -23.02 8.56
S SO4 K . -23.92 7.02 -4.85
O1 SO4 K . -22.73 6.32 -5.49
O2 SO4 K . -24.06 6.52 -3.43
O3 SO4 K . -23.67 8.52 -4.97
O4 SO4 K . -25.18 6.74 -5.61
S SO4 L . -21.68 0.71 -7.14
O1 SO4 L . -20.43 0.44 -7.85
O2 SO4 L . -21.52 0.53 -5.66
O3 SO4 L . -22.16 2.15 -7.33
O4 SO4 L . -22.74 -0.18 -7.72
S SO4 M . -12.02 27.83 -8.16
O1 SO4 M . -11.46 28.17 -6.85
O2 SO4 M . -12.71 29.01 -8.66
O3 SO4 M . -10.95 27.48 -9.11
O4 SO4 M . -12.94 26.70 -8.11
C ACT N . -13.92 22.94 3.53
O ACT N . -13.34 22.81 2.36
OXT ACT N . -14.42 24.03 3.92
CH3 ACT N . -14.02 21.85 4.43
#